data_1E3C
#
_entry.id   1E3C
#
_cell.length_a   131.800
_cell.length_b   131.800
_cell.length_c   192.100
_cell.angle_alpha   90.00
_cell.angle_beta   90.00
_cell.angle_gamma   90.00
#
_symmetry.space_group_name_H-M   'I 4 2 2'
#
loop_
_entity.id
_entity.type
_entity.pdbx_description
1 polymer 'Arylsulfatase A'
2 branched 2-acetamido-2-deoxy-beta-D-glucopyranose-(1-4)-2-acetamido-2-deoxy-beta-D-glucopyranose
3 non-polymer 'MAGNESIUM ION'
4 water water
#
_entity_poly.entity_id   1
_entity_poly.type   'polypeptide(L)'
_entity_poly.pdbx_seq_one_letter_code
;RPPNIVLIFADDLGYGDLGCYGHPSSTTPNLDQLAAGGLRFTDFYVPVSLSTPSRAALLTGRLPVRMGMYPGVLVPSSRG
GLPLEEVTVAEVLAARGYLTGMAGKWHLGVGPEGAFLPPHQGFHRFLGIPYSHDQGPCQNLTCFPPATPCDGGCDQGLVP
IPLLANLSVEAQPPWLPGLEARYMAFAHDLMADAQREDRPFFLYYASHHTHYPQFSGQSFAERSGRGPFGDSLMELDAAV
GTLMTAIGDLGLLEETLVIFTADNGPETMRMSRGGCSGLLRCGKGTTYEGGVREPALAFWPGHIAPGVTHELASSLDLLP
TLAALAGAPLPNVTLDGFDLSPLLLGTGKSPRQSLFFYPSYPDEVRGVFAVRTGKYKAHFFTQGSAHSDTTADPACHASS
SLTAHEPPLLYDLSKDPGENYNLLGGVAGATPEVLQALKQLQLLKAQLDAAVTFGPSQVARGEDPALQICCHPGCTPRPA
CCHCPDPHA
;
_entity_poly.pdbx_strand_id   P
#
loop_
_chem_comp.id
_chem_comp.type
_chem_comp.name
_chem_comp.formula
MG non-polymer 'MAGNESIUM ION' 'Mg 2'
NAG D-saccharide, beta linking 2-acetamido-2-deoxy-beta-D-glucopyranose 'C8 H15 N O6'
#
# COMPACT_ATOMS: atom_id res chain seq x y z
N ARG A 1 -5.21 18.97 21.15
CA ARG A 1 -4.95 19.29 19.68
C ARG A 1 -4.66 18.03 18.88
N PRO A 2 -5.17 18.02 17.66
CA PRO A 2 -5.09 16.85 16.77
C PRO A 2 -3.62 16.52 16.65
N PRO A 3 -3.30 15.24 16.69
CA PRO A 3 -1.91 14.84 16.63
C PRO A 3 -1.32 14.93 15.24
N ASN A 4 -0.01 15.02 15.21
CA ASN A 4 0.77 14.91 13.98
C ASN A 4 0.68 13.42 13.60
N ILE A 5 0.43 13.22 12.33
CA ILE A 5 0.28 11.88 11.78
C ILE A 5 1.34 11.57 10.72
N VAL A 6 2.14 10.54 10.95
CA VAL A 6 2.96 10.06 9.83
C VAL A 6 2.48 8.63 9.47
N LEU A 7 2.02 8.52 8.22
CA LEU A 7 1.56 7.26 7.60
C LEU A 7 2.52 6.61 6.62
N ILE A 8 3.35 5.64 6.97
CA ILE A 8 4.32 5.02 6.02
C ILE A 8 3.73 3.85 5.25
N PHE A 9 3.76 3.73 3.96
CA PHE A 9 3.12 2.67 3.15
C PHE A 9 4.19 2.00 2.28
N ALA A 10 4.56 0.75 2.60
CA ALA A 10 5.59 0.08 1.79
C ALA A 10 4.94 -0.53 0.54
N ASP A 11 5.74 -0.97 -0.39
CA ASP A 11 5.35 -1.51 -1.66
C ASP A 11 5.70 -2.99 -1.78
N ASP A 12 4.71 -3.82 -2.15
CA ASP A 12 5.03 -5.25 -2.25
C ASP A 12 5.78 -5.87 -1.08
N LEU A 13 5.38 -5.59 0.16
CA LEU A 13 6.09 -6.12 1.30
C LEU A 13 5.09 -7.10 1.99
N GLY A 14 5.57 -8.33 2.23
CA GLY A 14 4.70 -9.30 2.75
C GLY A 14 4.60 -9.45 4.26
N TYR A 15 3.59 -10.25 4.67
CA TYR A 15 3.43 -10.56 6.07
C TYR A 15 4.61 -11.26 6.73
N GLY A 16 5.59 -11.85 6.09
CA GLY A 16 6.64 -12.54 6.74
C GLY A 16 7.97 -11.81 6.69
N ASP A 17 8.02 -10.58 6.18
CA ASP A 17 9.25 -9.87 5.96
C ASP A 17 9.81 -9.12 7.16
N LEU A 18 9.05 -8.45 8.06
CA LEU A 18 9.76 -7.84 9.19
C LEU A 18 10.32 -8.84 10.19
N GLY A 19 11.42 -8.56 10.91
CA GLY A 19 12.06 -9.42 11.90
C GLY A 19 11.02 -9.69 13.00
N CYS A 20 10.15 -8.73 13.29
CA CYS A 20 9.18 -8.85 14.33
C CYS A 20 7.95 -9.68 13.87
N TYR A 21 7.98 -10.14 12.62
CA TYR A 21 6.87 -10.90 12.15
C TYR A 21 7.46 -12.31 11.81
N GLY A 22 8.72 -12.51 12.16
CA GLY A 22 9.27 -13.87 12.08
C GLY A 22 10.46 -14.06 11.17
N HIS A 23 10.78 -13.11 10.25
CA HIS A 23 11.78 -13.50 9.27
C HIS A 23 13.13 -13.79 9.89
N PRO A 24 13.80 -14.87 9.52
CA PRO A 24 15.06 -15.23 10.12
C PRO A 24 16.23 -14.38 9.67
N SER A 25 16.11 -13.62 8.58
CA SER A 25 17.37 -12.97 8.15
C SER A 25 17.14 -11.52 7.83
N SER A 26 15.94 -11.00 7.69
CA SER A 26 15.72 -9.59 7.50
C SER A 26 16.44 -8.79 8.59
N THR A 27 16.87 -7.58 8.27
CA THR A 27 17.34 -6.64 9.27
C THR A 27 16.44 -5.41 9.29
N THR A 28 15.51 -5.32 10.23
CA THR A 28 14.57 -4.23 10.42
C THR A 28 14.42 -3.80 11.87
N PRO A 29 15.48 -3.30 12.46
CA PRO A 29 15.51 -2.90 13.90
C PRO A 29 14.70 -1.69 14.27
N ASN A 30 14.46 -0.72 13.40
CA ASN A 30 13.63 0.39 13.81
C ASN A 30 12.21 -0.06 13.87
N LEU A 31 11.78 -0.81 12.86
CA LEU A 31 10.37 -1.26 12.84
C LEU A 31 10.15 -2.29 13.96
N ASP A 32 11.21 -3.10 14.20
CA ASP A 32 11.04 -3.99 15.37
C ASP A 32 10.86 -3.12 16.60
N GLN A 33 11.53 -1.91 16.69
CA GLN A 33 11.32 -1.12 17.89
C GLN A 33 9.94 -0.50 17.86
N LEU A 34 9.46 0.00 16.73
CA LEU A 34 8.08 0.48 16.82
C LEU A 34 7.12 -0.57 17.39
N ALA A 35 7.21 -1.83 16.98
CA ALA A 35 6.31 -2.89 17.36
C ALA A 35 6.36 -3.13 18.87
N ALA A 36 7.63 -3.20 19.32
CA ALA A 36 7.87 -3.34 20.73
C ALA A 36 7.20 -2.23 21.53
N GLY A 37 7.19 -0.97 21.08
CA GLY A 37 6.52 0.03 21.89
C GLY A 37 5.22 0.41 21.27
N GLY A 38 4.61 -0.50 20.48
CA GLY A 38 3.33 0.04 19.88
C GLY A 38 2.35 -1.15 19.76
N LEU A 39 1.29 -0.99 19.04
CA LEU A 39 0.37 -2.08 18.79
C LEU A 39 0.69 -2.73 17.42
N ARG A 40 0.97 -4.03 17.43
CA ARG A 40 1.21 -4.83 16.22
C ARG A 40 -0.04 -5.67 15.90
N PHE A 41 -0.55 -5.48 14.70
CA PHE A 41 -1.72 -6.18 14.19
C PHE A 41 -1.34 -7.52 13.52
N THR A 42 -2.03 -8.60 13.87
CA THR A 42 -1.81 -9.91 13.29
C THR A 42 -2.74 -10.20 12.12
N ASP A 43 -3.83 -9.45 12.07
CA ASP A 43 -4.90 -9.58 11.13
C ASP A 43 -5.28 -8.26 10.50
N PHE A 44 -4.31 -7.49 9.91
CA PHE A 44 -4.74 -6.27 9.21
C PHE A 44 -4.71 -6.65 7.74
N TYR A 45 -5.64 -6.16 6.93
CA TYR A 45 -5.74 -6.36 5.53
C TYR A 45 -5.86 -5.19 4.56
N VAL A 46 -5.51 -5.44 3.27
CA VAL A 46 -6.00 -4.47 2.26
C VAL A 46 -7.08 -5.20 1.45
N PRO A 47 -7.92 -4.61 0.61
CA PRO A 47 -9.02 -5.33 0.00
C PRO A 47 -8.77 -5.82 -1.41
N VAL A 48 -7.71 -5.37 -2.03
CA VAL A 48 -7.26 -5.73 -3.36
C VAL A 48 -5.75 -5.80 -3.41
N SER A 49 -5.15 -6.83 -3.92
CA SER A 49 -3.73 -7.12 -3.92
C SER A 49 -2.83 -6.53 -4.97
N LEU A 50 -3.11 -5.33 -5.45
CA LEU A 50 -2.35 -4.58 -6.42
C LEU A 50 -2.14 -3.15 -5.95
N SER A 51 -1.18 -2.43 -6.50
CA SER A 51 -0.86 -1.08 -6.08
C SER A 51 -1.91 0.01 -6.25
N THR A 52 -2.44 0.13 -7.48
CA THR A 52 -3.39 1.21 -7.71
C THR A 52 -4.61 1.08 -6.86
N PRO A 53 -5.28 -0.04 -6.94
CA PRO A 53 -6.54 -0.22 -6.20
C PRO A 53 -6.31 -0.09 -4.71
N SER A 54 -5.16 -0.57 -4.22
CA SER A 54 -4.87 -0.54 -2.80
C SER A 54 -4.59 0.91 -2.36
N ARG A 55 -3.80 1.63 -3.16
CA ARG A 55 -3.57 3.06 -2.88
C ARG A 55 -4.88 3.84 -2.93
N ALA A 56 -5.86 3.50 -3.81
CA ALA A 56 -7.08 4.25 -3.79
C ALA A 56 -7.86 4.00 -2.50
N ALA A 57 -7.93 2.71 -2.12
CA ALA A 57 -8.74 2.35 -0.96
C ALA A 57 -8.13 2.98 0.30
N LEU A 58 -6.83 3.07 0.45
CA LEU A 58 -6.30 3.64 1.66
C LEU A 58 -6.68 5.13 1.70
N LEU A 59 -6.53 5.86 0.57
CA LEU A 59 -6.68 7.30 0.61
C LEU A 59 -8.14 7.73 0.70
N THR A 60 -9.05 6.93 0.17
CA THR A 60 -10.43 7.35 0.27
C THR A 60 -11.29 6.62 1.28
N GLY A 61 -10.80 5.49 1.86
CA GLY A 61 -11.65 4.61 2.61
C GLY A 61 -12.79 3.99 1.80
N ARG A 62 -12.63 3.82 0.49
CA ARG A 62 -13.66 3.19 -0.31
C ARG A 62 -13.11 2.03 -1.15
N LEU A 63 -13.96 1.05 -1.43
CA LEU A 63 -13.67 -0.13 -2.19
C LEU A 63 -13.33 0.43 -3.55
N PRO A 64 -12.21 0.00 -4.13
CA PRO A 64 -11.77 0.54 -5.43
C PRO A 64 -12.74 0.29 -6.51
N VAL A 65 -13.71 -0.65 -6.46
CA VAL A 65 -14.53 -0.73 -7.65
C VAL A 65 -15.46 0.48 -7.66
N ARG A 66 -15.72 1.11 -6.51
CA ARG A 66 -16.74 2.16 -6.41
C ARG A 66 -16.29 3.32 -7.29
N MET A 67 -14.98 3.63 -7.32
CA MET A 67 -14.58 4.69 -8.20
C MET A 67 -13.75 4.24 -9.38
N GLY A 68 -14.04 3.13 -10.04
CA GLY A 68 -13.30 2.78 -11.22
C GLY A 68 -11.84 2.43 -11.07
N MET A 69 -11.20 2.16 -9.94
CA MET A 69 -9.78 1.76 -9.96
C MET A 69 -9.52 0.27 -10.18
N TYR A 70 -9.88 -0.24 -11.34
CA TYR A 70 -9.74 -1.57 -11.88
C TYR A 70 -9.88 -1.46 -13.40
N PRO A 71 -9.54 -2.50 -14.11
CA PRO A 71 -8.82 -3.65 -13.57
C PRO A 71 -7.35 -3.38 -13.46
N GLY A 72 -6.45 -4.26 -13.09
CA GLY A 72 -5.04 -3.97 -13.06
C GLY A 72 -4.59 -2.66 -12.46
N VAL A 73 -3.46 -2.07 -12.84
CA VAL A 73 -2.90 -0.82 -12.39
C VAL A 73 -2.74 0.20 -13.54
N LEU A 74 -2.69 1.47 -13.21
CA LEU A 74 -2.41 2.57 -14.10
C LEU A 74 -0.98 2.52 -14.67
N VAL A 75 -0.87 2.96 -15.92
CA VAL A 75 0.52 3.02 -16.50
C VAL A 75 0.82 4.48 -16.80
N PRO A 76 2.00 4.84 -17.20
CA PRO A 76 2.39 6.23 -17.50
C PRO A 76 1.56 6.84 -18.59
N SER A 77 1.11 6.12 -19.63
CA SER A 77 0.27 6.71 -20.66
C SER A 77 -1.19 6.74 -20.39
N SER A 78 -1.50 6.30 -19.17
CA SER A 78 -2.92 6.12 -18.85
C SER A 78 -3.60 7.48 -18.97
N ARG A 79 -4.76 7.53 -19.58
CA ARG A 79 -5.65 8.65 -19.54
C ARG A 79 -6.28 8.85 -18.20
N GLY A 80 -6.67 7.75 -17.50
CA GLY A 80 -7.54 7.78 -16.31
C GLY A 80 -6.86 8.01 -14.98
N GLY A 81 -7.65 8.22 -13.91
CA GLY A 81 -7.04 8.47 -12.61
C GLY A 81 -8.05 8.37 -11.48
N LEU A 82 -7.58 8.37 -10.23
CA LEU A 82 -8.54 8.53 -9.13
C LEU A 82 -9.33 9.83 -9.35
N PRO A 83 -10.61 9.80 -9.66
CA PRO A 83 -11.43 10.97 -9.85
C PRO A 83 -11.23 12.04 -8.80
N LEU A 84 -11.28 13.31 -9.29
CA LEU A 84 -11.04 14.47 -8.45
C LEU A 84 -12.13 14.71 -7.42
N GLU A 85 -13.29 14.14 -7.67
CA GLU A 85 -14.41 14.20 -6.74
C GLU A 85 -14.12 13.34 -5.52
N GLU A 86 -13.29 12.32 -5.53
CA GLU A 86 -13.11 11.53 -4.35
C GLU A 86 -12.43 12.45 -3.32
N VAL A 87 -12.65 12.20 -2.05
CA VAL A 87 -12.11 13.02 -0.99
C VAL A 87 -11.06 12.16 -0.34
N THR A 88 -9.83 12.64 -0.41
CA THR A 88 -8.79 11.78 0.10
C THR A 88 -8.61 12.13 1.56
N VAL A 89 -7.68 11.38 2.18
CA VAL A 89 -7.40 11.66 3.56
C VAL A 89 -6.85 13.09 3.68
N ALA A 90 -5.98 13.40 2.75
CA ALA A 90 -5.28 14.67 2.69
C ALA A 90 -6.31 15.82 2.63
N GLU A 91 -7.30 15.77 1.76
CA GLU A 91 -8.37 16.72 1.75
C GLU A 91 -8.97 16.85 3.13
N VAL A 92 -9.29 15.75 3.78
CA VAL A 92 -9.93 15.80 5.10
C VAL A 92 -9.09 16.45 6.15
N LEU A 93 -7.80 16.29 6.19
CA LEU A 93 -7.01 16.88 7.27
C LEU A 93 -6.62 18.33 7.03
N ALA A 94 -6.48 18.66 5.75
CA ALA A 94 -6.05 19.94 5.21
C ALA A 94 -7.16 20.92 5.61
N ALA A 95 -8.38 20.43 5.46
CA ALA A 95 -9.51 21.22 5.84
C ALA A 95 -9.59 21.54 7.32
N ARG A 96 -8.76 21.02 8.17
CA ARG A 96 -8.91 21.14 9.61
C ARG A 96 -7.58 21.74 10.00
N GLY A 97 -6.92 22.13 8.90
CA GLY A 97 -5.67 22.82 8.93
C GLY A 97 -4.40 22.12 9.27
N TYR A 98 -4.26 20.94 8.65
CA TYR A 98 -3.00 20.19 8.78
C TYR A 98 -2.16 20.74 7.64
N LEU A 99 -0.88 20.87 7.86
CA LEU A 99 0.03 21.10 6.68
C LEU A 99 0.31 19.66 6.13
N THR A 100 -0.13 19.36 4.92
CA THR A 100 -0.12 17.98 4.44
C THR A 100 0.98 17.73 3.39
N GLY A 101 1.72 16.65 3.51
CA GLY A 101 2.84 16.40 2.62
C GLY A 101 2.89 14.95 2.12
N MET A 102 3.48 14.66 0.96
CA MET A 102 3.53 13.30 0.49
C MET A 102 4.89 13.04 -0.12
N ALA A 103 5.63 12.01 0.25
CA ALA A 103 6.85 11.65 -0.50
C ALA A 103 6.71 10.30 -1.17
N GLY A 104 7.29 10.03 -2.34
CA GLY A 104 7.26 8.70 -2.93
C GLY A 104 6.20 8.36 -3.93
N LYS A 105 5.71 7.10 -3.98
CA LYS A 105 4.93 6.63 -5.12
C LYS A 105 3.49 7.08 -5.16
N TRP A 106 2.97 7.66 -6.19
CA TRP A 106 1.55 8.05 -6.19
C TRP A 106 0.72 6.90 -6.71
N HIS A 107 0.82 6.57 -7.99
CA HIS A 107 0.16 5.59 -8.76
C HIS A 107 -1.35 5.73 -8.77
N LEU A 108 -1.83 6.97 -8.62
CA LEU A 108 -3.24 7.28 -8.72
C LEU A 108 -3.60 8.09 -9.95
N GLY A 109 -2.69 8.09 -10.92
CA GLY A 109 -2.92 8.71 -12.23
C GLY A 109 -2.14 10.03 -12.38
N VAL A 110 -1.95 10.33 -13.65
CA VAL A 110 -1.22 11.54 -14.01
C VAL A 110 -2.16 12.47 -14.76
N GLY A 111 -2.44 12.03 -15.98
CA GLY A 111 -3.44 12.79 -16.71
C GLY A 111 -2.91 14.00 -17.48
N PRO A 112 -3.86 14.47 -18.28
CA PRO A 112 -3.67 15.68 -19.12
C PRO A 112 -3.25 16.84 -18.25
N GLU A 113 -2.02 17.31 -18.43
CA GLU A 113 -1.37 18.34 -17.61
C GLU A 113 -1.27 18.11 -16.12
N GLY A 114 -1.23 16.81 -15.70
CA GLY A 114 -0.98 16.48 -14.30
C GLY A 114 -2.19 16.68 -13.43
N ALA A 115 -3.37 16.72 -14.06
CA ALA A 115 -4.63 16.92 -13.38
C ALA A 115 -4.86 15.98 -12.23
N PHE A 116 -4.33 14.78 -12.24
CA PHE A 116 -4.58 13.79 -11.17
C PHE A 116 -3.46 13.69 -10.16
N LEU A 117 -2.41 14.49 -10.34
CA LEU A 117 -1.29 14.39 -9.41
C LEU A 117 -1.67 14.80 -8.01
N PRO A 118 -0.89 14.49 -6.98
CA PRO A 118 -1.16 14.79 -5.60
C PRO A 118 -1.61 16.19 -5.24
N PRO A 119 -0.95 17.23 -5.76
CA PRO A 119 -1.26 18.64 -5.50
C PRO A 119 -2.71 18.91 -5.79
N HIS A 120 -3.39 18.30 -6.72
CA HIS A 120 -4.84 18.38 -6.85
C HIS A 120 -5.65 17.54 -5.88
N GLN A 121 -5.06 16.74 -4.99
CA GLN A 121 -5.86 15.82 -4.17
C GLN A 121 -5.61 16.10 -2.71
N GLY A 122 -5.18 17.34 -2.37
CA GLY A 122 -5.08 17.72 -0.95
C GLY A 122 -3.70 17.76 -0.37
N PHE A 123 -2.67 17.47 -1.22
CA PHE A 123 -1.35 17.56 -0.53
C PHE A 123 -0.76 18.95 -0.72
N HIS A 124 -0.24 19.59 0.33
CA HIS A 124 0.35 20.93 0.10
C HIS A 124 1.68 20.82 -0.62
N ARG A 125 2.50 19.87 -0.22
CA ARG A 125 3.77 19.50 -0.74
C ARG A 125 3.76 18.01 -1.20
N PHE A 126 4.60 17.73 -2.19
CA PHE A 126 4.83 16.51 -2.86
C PHE A 126 6.15 16.47 -3.58
N LEU A 127 6.96 15.52 -3.19
CA LEU A 127 8.19 15.11 -3.85
C LEU A 127 8.12 13.58 -4.09
N GLY A 128 8.08 13.09 -5.31
CA GLY A 128 8.01 11.70 -5.57
C GLY A 128 7.79 11.26 -6.99
N ILE A 129 7.52 9.97 -7.22
CA ILE A 129 7.39 9.46 -8.60
C ILE A 129 5.93 9.15 -8.80
N PRO A 130 5.36 9.51 -9.94
CA PRO A 130 3.90 9.49 -10.15
C PRO A 130 3.31 8.09 -10.35
N TYR A 131 4.30 7.15 -10.48
CA TYR A 131 3.81 5.76 -10.56
C TYR A 131 4.93 4.90 -10.00
N SER A 132 5.06 3.71 -10.51
CA SER A 132 5.95 2.78 -9.87
C SER A 132 7.32 2.88 -10.44
N HIS A 133 8.35 2.71 -9.62
CA HIS A 133 9.65 3.01 -10.20
C HIS A 133 10.13 2.12 -11.30
N ASP A 134 9.55 1.03 -11.69
CA ASP A 134 10.03 0.14 -12.74
C ASP A 134 9.17 0.45 -13.97
N GLN A 135 8.28 1.48 -13.84
CA GLN A 135 7.53 1.68 -15.04
C GLN A 135 8.27 2.61 -16.00
N GLY A 136 9.49 2.41 -16.43
CA GLY A 136 10.32 3.18 -17.33
C GLY A 136 11.59 2.37 -17.46
N PRO A 137 12.38 2.46 -18.49
CA PRO A 137 13.51 1.56 -18.71
C PRO A 137 14.52 1.74 -17.60
N CYS A 138 15.17 0.70 -17.09
CA CYS A 138 16.13 0.95 -16.04
C CYS A 138 17.37 0.18 -16.36
N GLN A 139 17.55 -0.41 -17.53
CA GLN A 139 18.81 -1.12 -17.86
C GLN A 139 20.04 -0.24 -17.64
N ASN A 140 19.91 1.06 -17.87
CA ASN A 140 21.05 1.93 -17.59
C ASN A 140 20.92 2.51 -16.20
N LEU A 141 19.86 2.38 -15.40
CA LEU A 141 19.91 2.95 -14.06
C LEU A 141 20.84 2.22 -13.13
N THR A 142 21.39 2.90 -12.16
CA THR A 142 22.15 2.26 -11.09
C THR A 142 21.22 1.90 -9.95
N CYS A 143 21.30 0.70 -9.43
CA CYS A 143 20.38 0.43 -8.29
C CYS A 143 21.18 0.47 -7.02
N PHE A 144 22.42 0.02 -6.99
CA PHE A 144 23.30 -0.03 -5.85
C PHE A 144 24.62 0.64 -6.27
N PRO A 145 25.04 1.66 -5.56
CA PRO A 145 26.27 2.37 -5.88
C PRO A 145 27.43 1.50 -5.44
N PRO A 146 28.59 1.76 -6.02
CA PRO A 146 28.79 2.83 -6.96
C PRO A 146 28.27 2.59 -8.34
N ALA A 147 28.21 1.34 -8.81
CA ALA A 147 27.78 1.24 -10.23
C ALA A 147 27.06 -0.05 -10.62
N THR A 148 26.37 -0.65 -9.66
CA THR A 148 25.59 -1.84 -9.86
C THR A 148 24.25 -1.48 -10.48
N PRO A 149 24.09 -1.96 -11.71
CA PRO A 149 22.90 -1.60 -12.44
C PRO A 149 21.66 -2.31 -11.87
N CYS A 150 20.50 -1.68 -11.97
CA CYS A 150 19.23 -2.37 -11.78
C CYS A 150 19.13 -3.66 -12.59
N ASP A 151 18.40 -4.68 -12.20
CA ASP A 151 18.37 -6.00 -12.85
C ASP A 151 17.16 -6.04 -13.74
N GLY A 152 17.34 -6.75 -14.85
CA GLY A 152 16.26 -6.90 -15.82
C GLY A 152 15.76 -5.70 -16.58
N GLY A 153 16.21 -4.43 -16.50
CA GLY A 153 15.54 -3.51 -17.40
C GLY A 153 14.21 -2.89 -17.32
N CYS A 154 13.29 -3.30 -16.45
CA CYS A 154 11.99 -2.67 -16.30
C CYS A 154 11.25 -2.47 -17.59
N ASP A 155 10.24 -1.61 -17.63
CA ASP A 155 9.44 -1.41 -18.84
C ASP A 155 10.11 -0.54 -19.91
N GLN A 156 10.16 -1.05 -21.13
CA GLN A 156 10.69 -0.45 -22.31
C GLN A 156 9.72 0.39 -23.13
N GLY A 157 10.27 1.29 -23.94
CA GLY A 157 9.50 2.16 -24.85
C GLY A 157 8.84 3.32 -24.16
N LEU A 158 9.22 3.60 -22.93
CA LEU A 158 8.66 4.64 -22.12
C LEU A 158 9.71 5.71 -21.81
N VAL A 159 9.14 6.84 -21.46
CA VAL A 159 9.91 7.95 -20.89
C VAL A 159 10.56 7.39 -19.66
N PRO A 160 11.77 7.79 -19.36
CA PRO A 160 12.42 7.42 -18.10
C PRO A 160 11.60 7.91 -16.91
N ILE A 161 11.82 7.31 -15.76
CA ILE A 161 11.12 7.65 -14.50
C ILE A 161 11.40 9.05 -14.01
N PRO A 162 10.38 9.88 -13.85
CA PRO A 162 10.53 11.26 -13.41
C PRO A 162 10.37 11.51 -11.91
N LEU A 163 11.21 12.29 -11.24
CA LEU A 163 11.02 12.69 -9.85
C LEU A 163 10.30 14.05 -9.92
N LEU A 164 9.15 14.32 -9.34
CA LEU A 164 8.41 15.52 -9.35
C LEU A 164 8.44 16.23 -8.00
N ALA A 165 8.26 17.54 -8.14
CA ALA A 165 8.13 18.48 -7.03
C ALA A 165 6.89 19.25 -7.48
N ASN A 166 5.87 18.97 -6.70
CA ASN A 166 4.55 19.48 -7.08
C ASN A 166 4.33 19.17 -8.53
N LEU A 167 4.14 20.08 -9.45
CA LEU A 167 3.92 19.54 -10.81
C LEU A 167 5.17 19.77 -11.64
N SER A 168 6.36 19.76 -11.07
CA SER A 168 7.45 20.09 -11.97
C SER A 168 8.43 18.94 -11.94
N VAL A 169 9.01 18.67 -13.13
CA VAL A 169 10.00 17.66 -13.12
C VAL A 169 11.30 18.10 -12.48
N GLU A 170 11.57 17.71 -11.27
CA GLU A 170 12.92 17.82 -10.78
C GLU A 170 13.92 16.91 -11.48
N ALA A 171 13.73 15.72 -12.01
CA ALA A 171 14.90 14.93 -12.49
C ALA A 171 14.29 13.80 -13.31
N GLN A 172 15.08 13.23 -14.20
CA GLN A 172 14.40 12.33 -15.10
C GLN A 172 15.52 11.66 -15.88
N PRO A 173 15.95 10.50 -15.41
CA PRO A 173 15.42 9.94 -14.19
C PRO A 173 16.27 10.43 -13.03
N PRO A 174 15.86 10.09 -11.83
CA PRO A 174 16.57 10.41 -10.62
C PRO A 174 17.66 9.43 -10.30
N TRP A 175 18.42 9.71 -9.25
CA TRP A 175 19.56 8.84 -8.89
C TRP A 175 19.00 7.97 -7.75
N LEU A 176 18.67 6.71 -8.11
CA LEU A 176 18.04 5.80 -7.11
C LEU A 176 18.78 5.64 -5.81
N PRO A 177 20.10 5.51 -5.78
CA PRO A 177 20.85 5.47 -4.55
C PRO A 177 20.72 6.72 -3.74
N GLY A 178 20.12 7.82 -4.22
CA GLY A 178 19.88 8.98 -3.38
C GLY A 178 18.48 9.41 -3.18
N LEU A 179 17.54 8.62 -3.66
CA LEU A 179 16.14 8.99 -3.36
C LEU A 179 15.80 9.17 -1.90
N GLU A 180 16.33 8.29 -1.03
CA GLU A 180 15.97 8.27 0.36
C GLU A 180 16.28 9.59 1.05
N ALA A 181 17.50 10.10 0.85
CA ALA A 181 17.90 11.41 1.46
C ALA A 181 17.00 12.50 0.97
N ARG A 182 16.74 12.53 -0.35
CA ARG A 182 15.80 13.53 -0.80
C ARG A 182 14.54 13.30 0.08
N TYR A 183 14.05 12.03 0.19
CA TYR A 183 12.79 12.02 0.93
C TYR A 183 12.90 12.33 2.41
N MET A 184 13.98 12.00 3.07
CA MET A 184 14.16 12.32 4.49
C MET A 184 14.15 13.84 4.67
N ALA A 185 14.92 14.53 3.80
CA ALA A 185 15.02 15.96 3.82
C ALA A 185 13.67 16.61 3.59
N PHE A 186 12.93 16.18 2.56
CA PHE A 186 11.57 16.73 2.45
C PHE A 186 10.71 16.51 3.69
N ALA A 187 10.85 15.41 4.39
CA ALA A 187 10.06 15.10 5.55
C ALA A 187 10.43 16.02 6.71
N HIS A 188 11.71 16.20 6.92
CA HIS A 188 12.23 17.07 7.97
C HIS A 188 11.74 18.52 7.86
N ASP A 189 11.85 19.07 6.65
CA ASP A 189 11.34 20.36 6.37
C ASP A 189 9.83 20.43 6.59
N LEU A 190 9.04 19.39 6.45
CA LEU A 190 7.58 19.58 6.57
C LEU A 190 7.22 19.56 8.04
N MET A 191 8.12 18.92 8.78
CA MET A 191 7.84 18.77 10.22
C MET A 191 7.97 20.13 10.89
N ALA A 192 9.19 20.62 10.88
CA ALA A 192 9.75 21.88 11.26
C ALA A 192 8.89 23.01 10.74
N ASP A 193 8.67 23.18 9.45
CA ASP A 193 7.72 24.19 9.03
C ASP A 193 6.36 24.03 9.70
N ALA A 194 5.93 22.87 10.13
CA ALA A 194 4.60 22.75 10.67
C ALA A 194 4.70 23.18 12.14
N GLN A 195 5.82 22.78 12.73
CA GLN A 195 5.99 23.10 14.16
C GLN A 195 5.96 24.63 14.32
N ARG A 196 6.82 25.25 13.49
CA ARG A 196 6.98 26.67 13.46
C ARG A 196 5.72 27.38 13.08
N GLU A 197 4.73 26.85 12.37
CA GLU A 197 3.51 27.62 12.14
C GLU A 197 2.49 27.20 13.20
N ASP A 198 2.96 26.59 14.27
CA ASP A 198 1.97 26.05 15.24
C ASP A 198 0.89 25.23 14.53
N ARG A 199 1.23 24.14 13.83
CA ARG A 199 0.20 23.33 13.15
C ARG A 199 0.61 21.86 13.08
N PRO A 200 -0.41 21.01 13.12
CA PRO A 200 -0.21 19.56 13.02
C PRO A 200 0.19 19.20 11.57
N PHE A 201 1.22 18.32 11.46
CA PHE A 201 1.44 17.89 10.06
C PHE A 201 0.86 16.46 9.83
N PHE A 202 0.53 16.08 8.64
CA PHE A 202 0.22 14.81 8.05
C PHE A 202 1.30 14.45 7.02
N LEU A 203 2.24 13.57 7.37
CA LEU A 203 3.20 13.09 6.33
C LEU A 203 2.77 11.70 5.84
N TYR A 204 2.58 11.50 4.56
CA TYR A 204 2.24 10.32 3.79
C TYR A 204 3.49 9.81 3.08
N TYR A 205 4.26 8.91 3.65
CA TYR A 205 5.51 8.42 3.05
C TYR A 205 5.30 7.10 2.27
N ALA A 206 5.01 7.06 0.99
CA ALA A 206 4.81 5.91 0.16
C ALA A 206 6.15 5.38 -0.35
N SER A 207 6.83 4.55 0.36
CA SER A 207 8.16 4.10 -0.14
C SER A 207 8.09 3.24 -1.38
N HIS A 208 9.15 3.19 -2.11
CA HIS A 208 9.41 2.47 -3.34
C HIS A 208 9.91 1.05 -2.93
N HIS A 209 10.54 0.96 -1.77
CA HIS A 209 10.87 -0.34 -1.21
C HIS A 209 9.56 -1.08 -0.82
N THR A 210 9.38 -2.38 -1.06
CA THR A 210 10.42 -3.23 -1.63
C THR A 210 9.98 -3.77 -2.98
N HIS A 211 9.56 -2.82 -3.82
CA HIS A 211 9.15 -3.09 -5.17
C HIS A 211 10.32 -3.35 -6.08
N TYR A 212 10.27 -4.19 -7.09
CA TYR A 212 11.31 -4.37 -8.08
C TYR A 212 11.47 -3.07 -8.86
N PRO A 213 12.64 -2.77 -9.38
CA PRO A 213 13.89 -3.35 -9.04
C PRO A 213 14.33 -2.82 -7.67
N GLN A 214 15.10 -3.66 -7.03
CA GLN A 214 15.58 -3.25 -5.71
C GLN A 214 16.79 -2.35 -5.88
N PHE A 215 16.95 -1.37 -5.05
CA PHE A 215 17.94 -0.40 -4.89
C PHE A 215 18.08 0.07 -3.41
N SER A 216 19.23 0.66 -3.09
CA SER A 216 19.48 1.32 -1.89
C SER A 216 20.69 2.27 -2.03
N GLY A 217 20.77 3.23 -1.07
CA GLY A 217 21.88 4.12 -0.97
C GLY A 217 23.13 3.33 -0.56
N GLN A 218 24.32 3.92 -0.60
CA GLN A 218 25.51 3.15 -0.25
C GLN A 218 25.67 2.73 1.18
N SER A 219 24.92 3.26 2.15
CA SER A 219 25.11 2.72 3.48
C SER A 219 24.47 1.34 3.67
N PHE A 220 23.52 0.94 2.82
CA PHE A 220 22.83 -0.31 3.01
C PHE A 220 23.23 -1.35 1.97
N ALA A 221 23.91 -0.85 0.94
CA ALA A 221 24.21 -1.74 -0.16
C ALA A 221 25.03 -2.89 0.40
N GLU A 222 24.58 -4.13 0.21
CA GLU A 222 25.32 -5.28 0.66
C GLU A 222 25.55 -5.35 2.13
N ARG A 223 24.72 -4.73 2.93
CA ARG A 223 24.90 -4.73 4.38
C ARG A 223 23.90 -5.61 5.06
N SER A 224 22.71 -5.80 4.49
CA SER A 224 21.68 -6.59 5.19
C SER A 224 22.15 -8.05 5.01
N GLY A 225 21.77 -9.05 5.80
CA GLY A 225 22.39 -10.31 5.22
C GLY A 225 21.33 -11.06 4.41
N ARG A 226 20.41 -10.45 3.67
CA ARG A 226 19.41 -11.04 2.88
C ARG A 226 19.43 -10.58 1.41
N GLY A 227 20.62 -10.16 0.95
CA GLY A 227 20.80 -9.71 -0.43
C GLY A 227 20.03 -8.44 -0.71
N PRO A 228 19.89 -8.17 -2.01
CA PRO A 228 19.22 -6.96 -2.49
C PRO A 228 17.86 -6.76 -1.89
N PHE A 229 17.04 -7.79 -1.60
CA PHE A 229 15.70 -7.46 -1.06
C PHE A 229 15.93 -6.98 0.36
N GLY A 230 16.94 -7.63 0.98
CA GLY A 230 17.26 -7.19 2.34
C GLY A 230 17.76 -5.77 2.42
N ASP A 231 18.76 -5.45 1.56
CA ASP A 231 19.38 -4.11 1.61
C ASP A 231 18.32 -3.01 1.47
N SER A 232 17.44 -3.26 0.53
CA SER A 232 16.34 -2.38 0.27
C SER A 232 15.37 -2.34 1.41
N LEU A 233 15.22 -3.43 2.17
CA LEU A 233 14.25 -3.33 3.29
C LEU A 233 14.99 -2.67 4.42
N MET A 234 16.29 -2.93 4.58
CA MET A 234 17.05 -2.23 5.63
C MET A 234 16.98 -0.71 5.38
N GLU A 235 17.11 -0.24 4.11
CA GLU A 235 17.03 1.17 3.92
C GLU A 235 15.67 1.73 4.33
N LEU A 236 14.55 1.08 4.02
CA LEU A 236 13.24 1.54 4.36
C LEU A 236 13.12 1.69 5.89
N ASP A 237 13.75 0.75 6.59
CA ASP A 237 13.70 0.60 8.00
C ASP A 237 14.51 1.74 8.63
N ALA A 238 15.66 2.02 8.03
CA ALA A 238 16.54 3.09 8.48
C ALA A 238 15.79 4.43 8.30
N ALA A 239 15.07 4.47 7.21
CA ALA A 239 14.33 5.67 6.92
C ALA A 239 13.39 5.88 8.11
N VAL A 240 12.74 4.82 8.57
CA VAL A 240 11.77 4.95 9.66
C VAL A 240 12.41 5.49 10.94
N GLY A 241 13.55 4.88 11.25
CA GLY A 241 14.38 5.31 12.36
C GLY A 241 14.62 6.83 12.26
N THR A 242 15.01 7.32 11.08
CA THR A 242 15.19 8.71 10.83
C THR A 242 13.96 9.53 11.11
N LEU A 243 12.77 9.19 10.64
CA LEU A 243 11.65 10.02 10.91
C LEU A 243 11.40 10.04 12.43
N MET A 244 11.76 8.99 13.14
CA MET A 244 11.46 8.82 14.54
C MET A 244 12.41 9.78 15.27
N THR A 245 13.68 9.83 14.89
CA THR A 245 14.64 10.76 15.39
C THR A 245 14.21 12.23 15.16
N ALA A 246 13.84 12.56 13.93
CA ALA A 246 13.34 13.88 13.71
C ALA A 246 12.15 14.06 14.66
N ILE A 247 11.35 13.04 14.95
CA ILE A 247 10.14 13.32 15.78
C ILE A 247 10.66 13.63 17.20
N GLY A 248 11.77 12.99 17.53
CA GLY A 248 12.47 13.17 18.76
C GLY A 248 12.89 14.63 18.88
N ASP A 249 13.99 14.93 18.24
CA ASP A 249 14.55 16.24 18.08
C ASP A 249 13.49 17.32 18.08
N LEU A 250 12.30 17.39 17.52
CA LEU A 250 11.42 18.51 17.74
C LEU A 250 10.46 18.34 18.89
N GLY A 251 10.75 17.55 19.91
CA GLY A 251 9.82 17.29 21.00
C GLY A 251 8.45 16.81 20.61
N LEU A 252 8.32 15.92 19.59
CA LEU A 252 6.95 15.55 19.19
C LEU A 252 6.57 14.10 19.39
N LEU A 253 7.34 13.34 20.18
CA LEU A 253 7.02 11.94 20.36
C LEU A 253 5.59 11.83 20.81
N GLU A 254 5.22 12.22 22.03
CA GLU A 254 3.84 12.06 22.45
C GLU A 254 2.82 12.78 21.58
N GLU A 255 3.12 13.52 20.53
CA GLU A 255 2.10 14.24 19.80
C GLU A 255 1.86 13.78 18.35
N THR A 256 2.69 12.79 18.05
CA THR A 256 2.55 12.11 16.78
C THR A 256 2.17 10.61 16.75
N LEU A 257 1.09 10.34 16.01
CA LEU A 257 0.66 9.03 15.58
C LEU A 257 1.42 8.54 14.32
N VAL A 258 2.18 7.48 14.43
CA VAL A 258 2.89 6.89 13.29
C VAL A 258 2.30 5.53 12.94
N ILE A 259 1.81 5.38 11.74
CA ILE A 259 1.34 4.03 11.35
C ILE A 259 2.16 3.37 10.27
N PHE A 260 2.60 2.14 10.35
CA PHE A 260 3.18 1.53 9.12
C PHE A 260 2.35 0.43 8.51
N THR A 261 2.12 0.27 7.25
CA THR A 261 1.58 -0.94 6.63
C THR A 261 2.20 -1.03 5.21
N ALA A 262 1.59 -1.80 4.29
CA ALA A 262 2.12 -2.04 2.98
C ALA A 262 1.00 -2.27 2.01
N ASP A 263 1.21 -1.97 0.71
CA ASP A 263 -0.04 -2.00 -0.13
C ASP A 263 -0.59 -3.37 -0.48
N ASN A 264 0.24 -4.44 -0.61
CA ASN A 264 -0.24 -5.73 -1.00
C ASN A 264 0.90 -6.74 -0.76
N GLY A 265 0.51 -8.03 -0.94
CA GLY A 265 1.50 -9.07 -0.72
C GLY A 265 2.76 -8.98 -1.55
N PRO A 266 3.74 -9.86 -1.28
CA PRO A 266 4.97 -9.94 -1.99
C PRO A 266 4.99 -10.44 -3.41
N GLU A 267 5.97 -9.99 -4.23
CA GLU A 267 5.94 -10.49 -5.61
C GLU A 267 6.81 -11.67 -5.67
N THR A 268 6.32 -12.87 -5.43
CA THR A 268 7.27 -14.01 -5.40
C THR A 268 7.81 -14.34 -6.79
N MET A 269 7.23 -13.80 -7.84
CA MET A 269 7.75 -13.89 -9.17
C MET A 269 9.20 -13.36 -9.18
N ARG A 270 9.70 -12.50 -8.32
CA ARG A 270 11.08 -12.06 -8.27
C ARG A 270 11.97 -12.96 -7.42
N MET A 271 11.38 -14.09 -6.98
CA MET A 271 12.12 -15.12 -6.35
C MET A 271 12.85 -14.59 -5.15
N SER A 272 14.18 -14.81 -5.04
CA SER A 272 14.74 -14.33 -3.78
C SER A 272 15.07 -12.85 -3.79
N ARG A 273 14.61 -12.09 -4.77
CA ARG A 273 14.68 -10.65 -4.80
C ARG A 273 13.27 -10.12 -4.51
N GLY A 274 12.38 -10.97 -4.02
CA GLY A 274 11.03 -10.57 -3.67
C GLY A 274 10.68 -10.95 -2.23
N GLY A 275 9.55 -10.52 -1.69
CA GLY A 275 9.17 -10.69 -0.33
C GLY A 275 8.76 -12.10 0.04
N CYS A 276 8.21 -12.26 1.23
CA CYS A 276 7.86 -13.44 1.96
C CYS A 276 6.52 -13.35 2.66
N SER A 277 5.63 -14.33 2.43
CA SER A 277 4.30 -14.14 3.04
C SER A 277 4.34 -14.94 4.34
N GLY A 278 5.50 -15.40 4.79
CA GLY A 278 5.61 -16.20 6.00
C GLY A 278 4.70 -17.43 5.89
N LEU A 279 3.83 -17.71 6.84
CA LEU A 279 3.04 -18.93 6.77
C LEU A 279 1.85 -18.72 5.85
N LEU A 280 1.57 -17.54 5.37
CA LEU A 280 0.31 -17.39 4.65
C LEU A 280 0.59 -17.92 3.25
N ARG A 281 -0.48 -18.17 2.52
CA ARG A 281 -0.42 -18.78 1.23
C ARG A 281 -0.39 -17.75 0.11
N CYS A 282 0.51 -17.98 -0.86
CA CYS A 282 0.60 -17.16 -2.06
C CYS A 282 1.00 -15.72 -1.69
N GLY A 283 0.66 -14.79 -2.56
CA GLY A 283 1.10 -13.43 -2.56
C GLY A 283 0.30 -12.49 -3.45
N LYS A 284 1.06 -11.44 -3.81
CA LYS A 284 0.56 -10.37 -4.65
C LYS A 284 -0.31 -10.83 -5.79
N GLY A 285 -1.41 -10.15 -6.01
CA GLY A 285 -2.14 -10.63 -7.23
C GLY A 285 -3.19 -11.60 -6.79
N THR A 286 -3.12 -12.24 -5.62
CA THR A 286 -4.19 -13.19 -5.31
C THR A 286 -5.00 -12.65 -4.14
N THR A 287 -6.11 -13.32 -3.87
CA THR A 287 -7.00 -13.06 -2.76
C THR A 287 -6.74 -14.12 -1.70
N TYR A 288 -5.69 -14.94 -1.84
CA TYR A 288 -5.31 -15.76 -0.67
C TYR A 288 -4.80 -14.83 0.44
N GLU A 289 -4.69 -15.31 1.69
CA GLU A 289 -4.16 -14.41 2.73
C GLU A 289 -2.80 -13.81 2.39
N GLY A 290 -1.86 -14.52 1.75
CA GLY A 290 -0.57 -13.96 1.41
C GLY A 290 -0.58 -12.66 0.61
N GLY A 291 -1.54 -12.44 -0.25
CA GLY A 291 -1.61 -11.21 -1.00
C GLY A 291 -2.37 -10.12 -0.25
N VAL A 292 -3.28 -10.38 0.70
CA VAL A 292 -4.05 -9.28 1.25
C VAL A 292 -3.85 -9.03 2.76
N ARG A 293 -3.07 -9.83 3.44
CA ARG A 293 -2.83 -9.69 4.85
C ARG A 293 -1.45 -9.04 4.99
N GLU A 294 -1.46 -7.81 5.48
CA GLU A 294 -0.16 -7.07 5.55
C GLU A 294 0.31 -6.90 6.94
N PRO A 295 1.55 -6.61 7.14
CA PRO A 295 2.02 -6.18 8.45
C PRO A 295 1.36 -4.85 8.82
N ALA A 296 1.20 -4.55 10.08
CA ALA A 296 0.67 -3.24 10.45
C ALA A 296 1.00 -2.90 11.91
N LEU A 297 1.63 -1.74 12.06
CA LEU A 297 2.15 -1.16 13.29
C LEU A 297 1.56 0.24 13.58
N ALA A 298 1.10 0.49 14.76
CA ALA A 298 0.51 1.75 15.22
C ALA A 298 1.30 2.16 16.48
N PHE A 299 1.92 3.35 16.37
CA PHE A 299 2.73 3.80 17.54
C PHE A 299 2.44 5.27 17.85
N TRP A 300 2.17 5.43 19.15
CA TRP A 300 1.89 6.77 19.74
C TRP A 300 2.22 6.70 21.22
N PRO A 301 3.42 6.96 21.64
CA PRO A 301 3.75 6.88 23.04
C PRO A 301 2.83 7.76 23.87
N GLY A 302 2.42 7.09 24.97
CA GLY A 302 1.50 7.61 25.93
C GLY A 302 0.09 7.58 25.44
N HIS A 303 -0.28 7.18 24.24
CA HIS A 303 -1.68 6.98 23.86
C HIS A 303 -2.13 5.55 23.60
N ILE A 304 -1.28 4.76 22.95
CA ILE A 304 -1.48 3.42 22.48
C ILE A 304 -0.52 2.56 23.28
N ALA A 305 -1.07 1.63 24.05
CA ALA A 305 -0.06 0.82 24.82
C ALA A 305 0.52 -0.31 23.99
N PRO A 306 1.79 -0.55 24.19
CA PRO A 306 2.49 -1.70 23.67
C PRO A 306 1.65 -2.96 23.72
N GLY A 307 1.60 -3.75 22.67
CA GLY A 307 0.82 -4.94 22.59
C GLY A 307 0.64 -5.47 21.17
N VAL A 308 -0.26 -6.44 21.07
CA VAL A 308 -0.63 -7.25 19.95
C VAL A 308 -2.12 -7.43 19.78
N THR A 309 -2.98 -6.89 18.94
CA THR A 309 -4.34 -7.27 18.79
C THR A 309 -4.38 -8.24 17.54
N HIS A 310 -5.35 -9.06 17.61
CA HIS A 310 -5.87 -10.04 16.70
C HIS A 310 -7.17 -9.47 16.16
N GLU A 311 -7.51 -8.20 16.49
CA GLU A 311 -8.83 -7.80 15.93
C GLU A 311 -8.81 -7.50 14.46
N LEU A 312 -10.02 -7.63 13.88
CA LEU A 312 -9.99 -7.25 12.44
C LEU A 312 -9.78 -5.79 12.15
N ALA A 313 -8.96 -5.47 11.17
CA ALA A 313 -8.75 -4.12 10.67
C ALA A 313 -8.36 -4.17 9.18
N SER A 314 -8.73 -3.09 8.52
CA SER A 314 -8.37 -2.81 7.18
C SER A 314 -7.73 -1.45 6.87
N SER A 315 -7.03 -1.34 5.76
CA SER A 315 -6.49 -0.07 5.24
C SER A 315 -7.67 0.82 4.89
N LEU A 316 -8.85 0.26 4.67
CA LEU A 316 -10.08 0.93 4.41
C LEU A 316 -10.53 1.67 5.69
N ASP A 317 -9.99 1.28 6.86
CA ASP A 317 -10.48 1.96 8.04
C ASP A 317 -9.65 3.22 8.38
N LEU A 318 -8.45 3.42 7.86
CA LEU A 318 -7.63 4.56 8.13
C LEU A 318 -8.18 5.95 7.92
N LEU A 319 -8.88 6.30 6.88
CA LEU A 319 -9.47 7.64 6.78
C LEU A 319 -10.35 7.89 8.01
N PRO A 320 -11.40 7.12 8.15
CA PRO A 320 -12.28 7.26 9.32
C PRO A 320 -11.56 7.26 10.64
N THR A 321 -10.58 6.52 11.02
CA THR A 321 -9.86 6.58 12.26
C THR A 321 -9.08 7.89 12.33
N LEU A 322 -8.49 8.34 11.22
CA LEU A 322 -7.68 9.57 11.29
C LEU A 322 -8.62 10.78 11.36
N ALA A 323 -9.70 10.90 10.63
CA ALA A 323 -10.70 11.92 10.79
C ALA A 323 -11.09 11.95 12.27
N ALA A 324 -11.72 10.93 12.82
CA ALA A 324 -12.01 10.85 14.24
C ALA A 324 -10.93 11.46 15.13
N LEU A 325 -9.71 11.00 15.06
CA LEU A 325 -8.61 11.41 15.91
C LEU A 325 -8.16 12.86 15.77
N ALA A 326 -8.56 13.53 14.70
CA ALA A 326 -8.17 14.88 14.41
C ALA A 326 -9.35 15.84 14.50
N GLY A 327 -10.48 15.33 14.99
CA GLY A 327 -11.70 16.08 15.01
C GLY A 327 -12.05 16.61 13.65
N ALA A 328 -11.82 15.90 12.53
CA ALA A 328 -12.27 16.45 11.26
C ALA A 328 -13.49 15.62 10.97
N PRO A 329 -14.33 16.12 10.13
CA PRO A 329 -15.54 15.40 9.82
C PRO A 329 -15.41 14.63 8.52
N LEU A 330 -16.31 13.68 8.37
CA LEU A 330 -16.28 12.78 7.26
C LEU A 330 -16.93 13.29 6.00
N PRO A 331 -16.29 12.95 4.89
CA PRO A 331 -16.88 13.22 3.61
C PRO A 331 -18.31 12.71 3.75
N ASN A 332 -19.14 13.25 2.87
CA ASN A 332 -20.52 12.89 2.79
C ASN A 332 -20.73 11.81 1.76
N VAL A 333 -19.96 10.74 1.87
CA VAL A 333 -20.07 9.62 0.95
C VAL A 333 -20.10 8.27 1.66
N THR A 334 -20.56 7.27 0.87
CA THR A 334 -20.46 5.94 1.44
C THR A 334 -18.99 5.56 1.54
N LEU A 335 -18.67 5.17 2.77
CA LEU A 335 -17.34 4.79 3.23
C LEU A 335 -17.34 3.29 3.53
N ASP A 336 -16.27 2.55 3.33
CA ASP A 336 -16.37 1.09 3.63
C ASP A 336 -15.54 0.74 4.81
N GLY A 337 -15.04 1.71 5.59
CA GLY A 337 -14.24 1.41 6.78
C GLY A 337 -14.93 2.05 7.98
N PHE A 338 -14.28 1.96 9.12
CA PHE A 338 -14.74 2.30 10.41
C PHE A 338 -13.68 3.01 11.25
N ASP A 339 -14.13 3.69 12.31
CA ASP A 339 -13.14 4.32 13.17
C ASP A 339 -12.52 3.29 14.07
N LEU A 340 -11.23 3.15 14.27
CA LEU A 340 -10.66 2.15 15.14
C LEU A 340 -10.01 2.73 16.35
N SER A 341 -10.23 4.02 16.61
CA SER A 341 -9.60 4.68 17.80
C SER A 341 -9.84 4.05 19.16
N PRO A 342 -11.02 3.52 19.43
CA PRO A 342 -11.29 2.71 20.60
C PRO A 342 -10.34 1.56 20.66
N LEU A 343 -10.19 0.94 19.43
CA LEU A 343 -9.18 -0.16 19.45
C LEU A 343 -7.82 0.45 19.63
N LEU A 344 -7.42 1.55 19.00
CA LEU A 344 -6.07 2.06 19.22
C LEU A 344 -5.85 2.56 20.65
N LEU A 345 -6.88 3.23 21.22
CA LEU A 345 -6.71 3.83 22.54
C LEU A 345 -6.98 2.90 23.71
N GLY A 346 -7.57 1.71 23.52
CA GLY A 346 -7.62 0.73 24.57
C GLY A 346 -8.90 0.76 25.36
N THR A 347 -9.84 1.51 24.82
CA THR A 347 -11.11 1.73 25.40
C THR A 347 -12.13 0.88 24.71
N GLY A 348 -11.73 0.16 23.67
CA GLY A 348 -12.78 -0.56 22.91
C GLY A 348 -12.19 -1.68 22.07
N LYS A 349 -13.13 -2.19 21.30
CA LYS A 349 -12.87 -3.26 20.34
C LYS A 349 -12.97 -2.76 18.91
N SER A 350 -12.42 -3.53 17.97
CA SER A 350 -12.72 -3.08 16.60
C SER A 350 -14.19 -3.29 16.33
N PRO A 351 -14.83 -2.30 15.76
CA PRO A 351 -16.14 -2.42 15.21
C PRO A 351 -16.18 -3.32 13.99
N ARG A 352 -15.04 -3.54 13.32
CA ARG A 352 -15.11 -4.34 12.08
C ARG A 352 -15.34 -5.84 12.32
N GLN A 353 -16.38 -6.36 11.70
CA GLN A 353 -16.62 -7.80 11.77
C GLN A 353 -16.26 -8.62 10.53
N SER A 354 -16.34 -8.09 9.33
CA SER A 354 -16.24 -8.63 8.04
C SER A 354 -15.32 -7.89 7.12
N LEU A 355 -14.67 -8.65 6.23
CA LEU A 355 -13.75 -8.04 5.24
C LEU A 355 -14.09 -8.62 3.87
N PHE A 356 -14.14 -7.82 2.85
CA PHE A 356 -14.48 -8.22 1.50
C PHE A 356 -13.33 -8.09 0.50
N PHE A 357 -13.00 -9.07 -0.34
CA PHE A 357 -11.82 -9.06 -1.19
C PHE A 357 -12.10 -9.15 -2.68
N TYR A 358 -11.61 -8.18 -3.46
CA TYR A 358 -11.91 -8.26 -4.89
C TYR A 358 -10.61 -8.69 -5.55
N PRO A 359 -10.74 -9.36 -6.68
CA PRO A 359 -9.63 -9.74 -7.52
C PRO A 359 -9.04 -8.58 -8.33
N SER A 360 -7.93 -8.80 -9.04
CA SER A 360 -7.29 -7.80 -9.86
C SER A 360 -8.20 -7.38 -11.00
N TYR A 361 -8.96 -8.36 -11.51
CA TYR A 361 -9.91 -8.14 -12.58
C TYR A 361 -11.29 -8.33 -12.08
N PRO A 362 -11.96 -7.47 -11.34
CA PRO A 362 -13.29 -7.77 -10.82
C PRO A 362 -14.35 -7.72 -11.90
N ASP A 363 -15.59 -8.10 -11.67
CA ASP A 363 -16.62 -7.95 -12.69
C ASP A 363 -17.94 -8.08 -11.94
N GLU A 364 -18.99 -7.62 -12.53
CA GLU A 364 -20.24 -7.56 -11.78
C GLU A 364 -20.99 -8.85 -11.78
N VAL A 365 -20.71 -9.81 -12.61
CA VAL A 365 -21.43 -11.06 -12.52
C VAL A 365 -20.77 -11.87 -11.39
N ARG A 366 -19.48 -11.93 -11.25
CA ARG A 366 -18.84 -12.65 -10.21
C ARG A 366 -18.87 -11.92 -8.89
N GLY A 367 -18.72 -10.62 -8.88
CA GLY A 367 -18.77 -10.02 -7.53
C GLY A 367 -17.58 -10.39 -6.67
N VAL A 368 -17.73 -10.23 -5.35
CA VAL A 368 -16.56 -10.41 -4.49
C VAL A 368 -16.04 -11.84 -4.54
N PHE A 369 -14.76 -12.02 -4.49
CA PHE A 369 -14.17 -13.30 -4.53
C PHE A 369 -14.13 -14.00 -3.18
N ALA A 370 -13.86 -13.25 -2.13
CA ALA A 370 -13.73 -13.94 -0.85
C ALA A 370 -14.30 -13.09 0.25
N VAL A 371 -14.76 -13.61 1.36
CA VAL A 371 -15.33 -12.84 2.43
C VAL A 371 -14.83 -13.37 3.76
N ARG A 372 -14.44 -12.52 4.71
CA ARG A 372 -14.02 -13.09 5.98
C ARG A 372 -15.01 -12.57 7.05
N THR A 373 -15.52 -13.45 7.89
CA THR A 373 -16.34 -13.05 9.03
C THR A 373 -15.90 -13.80 10.28
N GLY A 374 -15.54 -12.99 11.28
CA GLY A 374 -14.92 -13.54 12.49
C GLY A 374 -13.69 -14.27 12.07
N LYS A 375 -13.75 -15.54 12.41
CA LYS A 375 -12.62 -16.41 12.18
C LYS A 375 -12.77 -17.13 10.86
N TYR A 376 -13.91 -16.96 10.15
CA TYR A 376 -14.07 -17.79 8.95
C TYR A 376 -13.86 -17.02 7.64
N LYS A 377 -13.22 -17.67 6.65
CA LYS A 377 -13.06 -17.01 5.36
C LYS A 377 -13.60 -17.97 4.30
N ALA A 378 -14.52 -17.55 3.49
CA ALA A 378 -15.04 -18.27 2.35
C ALA A 378 -14.42 -17.83 1.02
N HIS A 379 -13.97 -18.76 0.16
CA HIS A 379 -13.55 -18.22 -1.17
C HIS A 379 -14.62 -18.56 -2.18
N PHE A 380 -15.31 -17.70 -2.87
CA PHE A 380 -16.29 -18.15 -3.85
C PHE A 380 -15.66 -18.44 -5.20
N PHE A 381 -14.51 -17.82 -5.51
CA PHE A 381 -13.72 -17.93 -6.69
C PHE A 381 -12.28 -17.99 -6.24
N THR A 382 -11.42 -18.58 -7.04
CA THR A 382 -9.97 -18.69 -6.71
C THR A 382 -9.24 -18.48 -8.01
N GLN A 383 -8.01 -18.03 -7.90
CA GLN A 383 -7.19 -17.74 -9.10
C GLN A 383 -5.77 -17.40 -8.72
N GLY A 384 -4.82 -17.98 -9.42
CA GLY A 384 -3.40 -17.87 -9.15
C GLY A 384 -2.99 -16.57 -9.89
N SER A 385 -1.72 -16.20 -9.97
CA SER A 385 -1.30 -14.95 -10.56
C SER A 385 0.19 -15.07 -10.82
N ALA A 386 0.56 -14.47 -11.91
CA ALA A 386 1.95 -14.40 -12.34
C ALA A 386 2.73 -13.66 -11.25
N HIS A 387 2.15 -12.64 -10.58
CA HIS A 387 3.00 -12.04 -9.54
C HIS A 387 3.33 -13.06 -8.43
N SER A 388 2.50 -14.09 -8.18
CA SER A 388 2.87 -15.11 -7.23
C SER A 388 3.45 -16.34 -7.86
N ASP A 389 3.89 -16.43 -9.09
CA ASP A 389 4.50 -17.69 -9.54
C ASP A 389 5.78 -18.06 -8.78
N THR A 390 6.36 -19.22 -9.17
CA THR A 390 7.62 -19.75 -8.74
C THR A 390 7.65 -20.40 -7.36
N THR A 391 6.58 -20.39 -6.62
CA THR A 391 6.66 -21.12 -5.36
C THR A 391 6.15 -22.53 -5.61
N ALA A 392 6.24 -23.36 -4.61
CA ALA A 392 5.84 -24.78 -4.74
C ALA A 392 4.34 -24.95 -4.65
N ASP A 393 3.55 -23.97 -4.24
CA ASP A 393 2.14 -24.09 -4.12
C ASP A 393 1.58 -23.73 -5.48
N PRO A 394 0.98 -24.72 -6.08
CA PRO A 394 0.41 -24.60 -7.42
C PRO A 394 -0.83 -23.75 -7.40
N ALA A 395 -1.60 -23.59 -6.33
CA ALA A 395 -2.75 -22.69 -6.46
C ALA A 395 -2.26 -21.25 -6.67
N CYS A 396 -1.03 -20.86 -6.30
CA CYS A 396 -0.58 -19.51 -6.61
C CYS A 396 -0.23 -19.16 -8.04
N HIS A 397 0.14 -20.15 -8.86
CA HIS A 397 0.61 -19.90 -10.21
C HIS A 397 -0.49 -19.39 -11.13
N ALA A 398 0.02 -18.67 -12.09
CA ALA A 398 -0.81 -18.11 -13.18
C ALA A 398 -1.52 -19.22 -13.95
N SER A 399 -0.95 -20.42 -13.99
CA SER A 399 -1.66 -21.53 -14.58
C SER A 399 -2.83 -22.00 -13.74
N SER A 400 -3.13 -21.56 -12.55
CA SER A 400 -4.35 -21.89 -11.84
C SER A 400 -5.37 -20.88 -12.24
N SER A 401 -6.18 -21.20 -13.20
CA SER A 401 -7.19 -20.23 -13.65
C SER A 401 -8.39 -20.02 -12.75
N LEU A 402 -9.25 -19.07 -13.07
CA LEU A 402 -10.44 -18.69 -12.45
C LEU A 402 -11.30 -19.95 -12.31
N THR A 403 -11.47 -20.45 -11.09
CA THR A 403 -12.33 -21.51 -10.72
C THR A 403 -13.40 -21.06 -9.74
N ALA A 404 -14.66 -21.37 -10.00
CA ALA A 404 -15.76 -21.09 -9.09
C ALA A 404 -15.78 -22.15 -8.01
N HIS A 405 -16.20 -21.92 -6.81
CA HIS A 405 -16.39 -22.91 -5.78
C HIS A 405 -17.81 -22.81 -5.23
N GLU A 406 -18.70 -23.71 -5.51
CA GLU A 406 -20.02 -23.70 -4.89
C GLU A 406 -20.35 -25.02 -4.29
N PRO A 407 -20.39 -25.24 -3.02
CA PRO A 407 -20.28 -24.28 -1.92
C PRO A 407 -18.85 -23.80 -1.82
N PRO A 408 -18.62 -22.63 -1.27
CA PRO A 408 -17.29 -22.01 -1.26
C PRO A 408 -16.31 -22.82 -0.47
N LEU A 409 -15.04 -22.66 -0.66
CA LEU A 409 -13.95 -23.20 0.13
C LEU A 409 -13.96 -22.43 1.48
N LEU A 410 -13.98 -23.12 2.60
CA LEU A 410 -14.22 -22.55 3.94
C LEU A 410 -13.12 -22.89 4.93
N TYR A 411 -12.43 -21.81 5.37
CA TYR A 411 -11.31 -22.00 6.28
C TYR A 411 -11.53 -21.25 7.59
N ASP A 412 -10.96 -21.81 8.64
CA ASP A 412 -11.02 -21.28 9.98
C ASP A 412 -9.64 -20.65 10.11
N LEU A 413 -9.54 -19.34 9.93
CA LEU A 413 -8.24 -18.70 9.93
C LEU A 413 -7.51 -18.73 11.25
N SER A 414 -8.12 -19.02 12.35
CA SER A 414 -7.49 -19.06 13.68
C SER A 414 -6.79 -20.38 13.93
N LYS A 415 -7.16 -21.44 13.23
CA LYS A 415 -6.34 -22.65 13.41
C LYS A 415 -5.66 -23.05 12.11
N ASP A 416 -6.17 -22.50 11.00
CA ASP A 416 -5.61 -22.75 9.68
C ASP A 416 -5.35 -21.46 8.88
N PRO A 417 -4.52 -20.52 9.37
CA PRO A 417 -4.18 -19.26 8.71
C PRO A 417 -3.60 -19.50 7.34
N GLY A 418 -2.91 -20.60 7.12
CA GLY A 418 -2.42 -21.25 5.97
C GLY A 418 -3.44 -21.57 4.89
N GLU A 419 -4.72 -21.60 5.18
CA GLU A 419 -5.75 -21.86 4.15
C GLU A 419 -5.48 -23.19 3.49
N ASN A 420 -5.12 -24.23 4.23
CA ASN A 420 -4.93 -25.56 3.77
C ASN A 420 -6.14 -26.46 3.90
N TYR A 421 -7.02 -26.33 4.87
CA TYR A 421 -7.99 -27.41 5.14
C TYR A 421 -9.42 -26.99 5.02
N ASN A 422 -10.06 -27.23 3.89
CA ASN A 422 -11.39 -26.78 3.64
C ASN A 422 -12.37 -27.49 4.55
N LEU A 423 -13.08 -26.78 5.38
CA LEU A 423 -14.05 -27.33 6.27
C LEU A 423 -15.27 -27.81 5.54
N LEU A 424 -15.69 -27.53 4.37
CA LEU A 424 -16.84 -28.15 3.70
C LEU A 424 -16.19 -29.21 2.88
N GLY A 425 -16.44 -29.48 1.66
CA GLY A 425 -15.56 -30.43 0.93
C GLY A 425 -14.78 -31.37 1.87
N ALA A 430 -19.70 -31.16 8.92
CA ALA A 430 -20.58 -29.98 8.70
C ALA A 430 -21.38 -29.56 9.92
N THR A 431 -20.71 -29.18 10.97
CA THR A 431 -21.15 -28.62 12.21
C THR A 431 -22.04 -27.44 12.13
N PRO A 432 -22.79 -27.27 13.20
CA PRO A 432 -23.67 -26.10 13.35
C PRO A 432 -22.94 -24.80 13.44
N GLU A 433 -21.70 -24.77 13.95
CA GLU A 433 -20.97 -23.50 13.96
C GLU A 433 -20.70 -23.18 12.46
N VAL A 434 -20.17 -24.22 11.80
CA VAL A 434 -19.83 -24.09 10.45
C VAL A 434 -20.99 -23.66 9.55
N LEU A 435 -22.06 -24.41 9.65
CA LEU A 435 -23.18 -24.14 8.74
C LEU A 435 -23.70 -22.75 8.98
N GLN A 436 -23.64 -22.25 10.24
CA GLN A 436 -24.14 -20.91 10.54
C GLN A 436 -23.18 -19.92 9.91
N ALA A 437 -21.88 -20.19 9.97
CA ALA A 437 -20.91 -19.29 9.35
C ALA A 437 -21.14 -19.32 7.85
N LEU A 438 -21.47 -20.48 7.28
CA LEU A 438 -21.68 -20.54 5.88
C LEU A 438 -22.86 -19.70 5.43
N LYS A 439 -23.97 -19.68 6.11
CA LYS A 439 -25.14 -18.91 5.67
C LYS A 439 -24.92 -17.42 5.82
N GLN A 440 -24.19 -17.05 6.88
CA GLN A 440 -23.77 -15.67 6.96
C GLN A 440 -22.86 -15.25 5.85
N LEU A 441 -21.77 -15.95 5.55
CA LEU A 441 -20.86 -15.58 4.49
C LEU A 441 -21.59 -15.51 3.19
N GLN A 442 -22.53 -16.40 2.89
CA GLN A 442 -23.26 -16.33 1.65
C GLN A 442 -24.15 -15.11 1.63
N LEU A 443 -24.80 -14.81 2.77
CA LEU A 443 -25.68 -13.64 2.74
C LEU A 443 -24.87 -12.36 2.61
N LEU A 444 -23.69 -12.23 3.24
CA LEU A 444 -22.93 -11.04 3.15
C LEU A 444 -22.42 -10.88 1.71
N LYS A 445 -22.03 -11.93 0.96
CA LYS A 445 -21.55 -11.65 -0.38
C LYS A 445 -22.76 -11.21 -1.24
N ALA A 446 -23.92 -11.87 -1.02
CA ALA A 446 -25.02 -11.55 -1.92
C ALA A 446 -25.44 -10.11 -1.62
N GLN A 447 -25.33 -9.64 -0.38
CA GLN A 447 -25.69 -8.30 0.03
C GLN A 447 -24.76 -7.24 -0.55
N LEU A 448 -23.44 -7.46 -0.39
CA LEU A 448 -22.56 -6.49 -0.99
C LEU A 448 -22.70 -6.51 -2.49
N ASP A 449 -22.61 -7.70 -3.12
CA ASP A 449 -22.80 -7.78 -4.55
C ASP A 449 -24.12 -7.14 -4.94
N ALA A 450 -25.28 -7.17 -4.32
CA ALA A 450 -26.44 -6.44 -4.84
C ALA A 450 -26.38 -4.94 -4.60
N ALA A 451 -25.68 -4.42 -3.62
CA ALA A 451 -25.54 -3.04 -3.28
C ALA A 451 -24.40 -2.22 -3.87
N VAL A 452 -23.21 -2.72 -4.12
CA VAL A 452 -22.15 -1.96 -4.78
C VAL A 452 -22.35 -1.83 -6.27
N THR A 453 -22.40 -0.65 -6.88
CA THR A 453 -22.40 -0.67 -8.37
C THR A 453 -20.96 -0.25 -8.72
N PHE A 454 -20.43 -0.87 -9.76
CA PHE A 454 -19.05 -0.58 -10.11
C PHE A 454 -18.97 0.78 -10.76
N GLY A 455 -18.14 1.69 -10.26
CA GLY A 455 -17.83 2.93 -11.01
C GLY A 455 -17.12 2.52 -12.31
N PRO A 456 -17.38 3.24 -13.37
CA PRO A 456 -16.89 2.96 -14.72
C PRO A 456 -15.36 3.00 -14.65
N SER A 457 -14.78 2.05 -15.32
CA SER A 457 -13.33 1.90 -15.19
C SER A 457 -12.47 3.04 -15.71
N GLN A 458 -11.53 3.48 -14.91
CA GLN A 458 -10.55 4.49 -15.25
C GLN A 458 -9.48 3.91 -16.13
N VAL A 459 -9.11 2.67 -15.86
CA VAL A 459 -8.06 2.00 -16.61
C VAL A 459 -8.51 1.70 -18.02
N ALA A 460 -9.77 1.47 -18.25
CA ALA A 460 -10.15 1.16 -19.65
C ALA A 460 -10.27 2.40 -20.49
N ARG A 461 -10.20 3.60 -19.92
CA ARG A 461 -10.29 4.83 -20.64
C ARG A 461 -9.08 4.97 -21.57
N GLY A 462 -8.13 4.07 -21.56
CA GLY A 462 -7.12 4.00 -22.55
C GLY A 462 -5.84 4.69 -22.25
N GLU A 463 -4.87 4.50 -23.13
CA GLU A 463 -3.58 5.12 -23.03
C GLU A 463 -3.38 6.11 -24.15
N ASP A 464 -2.56 7.11 -23.90
CA ASP A 464 -2.13 8.07 -24.92
C ASP A 464 -0.71 8.45 -24.54
N PRO A 465 0.28 8.10 -25.34
CA PRO A 465 1.69 8.34 -25.10
C PRO A 465 2.04 9.81 -24.93
N ALA A 466 1.17 10.63 -25.56
CA ALA A 466 1.35 12.07 -25.33
C ALA A 466 1.18 12.47 -23.88
N LEU A 467 0.57 11.66 -22.99
CA LEU A 467 0.42 11.99 -21.60
C LEU A 467 1.68 11.65 -20.81
N GLN A 468 2.71 11.06 -21.42
CA GLN A 468 3.89 10.86 -20.62
C GLN A 468 4.62 12.13 -20.27
N ILE A 469 4.90 12.46 -19.07
CA ILE A 469 5.77 13.47 -18.61
C ILE A 469 7.11 13.38 -19.37
N CYS A 470 7.47 14.59 -19.78
CA CYS A 470 8.68 14.85 -20.50
C CYS A 470 9.45 16.08 -20.07
N CYS A 471 10.60 16.02 -19.46
CA CYS A 471 11.51 16.96 -18.95
C CYS A 471 11.82 18.20 -19.82
N HIS A 472 11.93 18.10 -21.12
CA HIS A 472 12.23 18.74 -22.29
C HIS A 472 11.01 18.67 -23.22
N PRO A 473 9.98 19.36 -22.77
CA PRO A 473 8.73 19.41 -23.54
C PRO A 473 9.04 19.67 -24.98
N GLY A 474 8.33 19.06 -25.90
CA GLY A 474 8.45 19.24 -27.33
C GLY A 474 9.62 18.44 -27.90
N CYS A 475 10.70 18.16 -27.17
CA CYS A 475 11.85 17.52 -27.80
C CYS A 475 11.51 16.46 -28.83
N THR A 476 12.55 15.97 -29.52
CA THR A 476 12.46 14.84 -30.44
C THR A 476 13.77 14.11 -30.45
N PRO A 477 13.89 12.83 -30.67
CA PRO A 477 12.88 11.80 -30.68
C PRO A 477 12.43 11.40 -29.25
N ARG A 478 11.11 11.35 -29.08
CA ARG A 478 10.44 10.90 -27.87
C ARG A 478 10.49 9.39 -27.85
N PRO A 479 10.73 8.68 -26.80
CA PRO A 479 10.75 9.03 -25.42
C PRO A 479 12.14 9.31 -24.92
N ALA A 480 13.14 8.87 -25.63
CA ALA A 480 14.52 9.06 -25.15
C ALA A 480 15.03 10.47 -25.03
N CYS A 481 14.49 11.43 -25.77
CA CYS A 481 14.90 12.82 -25.58
C CYS A 481 14.34 13.29 -24.24
N CYS A 482 13.28 12.64 -23.72
CA CYS A 482 12.80 13.24 -22.45
C CYS A 482 13.77 12.97 -21.32
N HIS A 483 14.70 13.85 -20.94
CA HIS A 483 15.58 13.41 -19.88
C HIS A 483 16.53 14.48 -19.44
N CYS A 484 16.49 14.74 -18.16
CA CYS A 484 17.34 15.73 -17.53
C CYS A 484 17.63 15.16 -16.19
N PRO A 485 18.74 14.33 -16.26
CA PRO A 485 19.14 13.59 -15.05
C PRO A 485 19.60 14.32 -13.78
C1 NAG B . 5.99 22.93 -4.24
C2 NAG B . 7.08 22.56 -3.27
C3 NAG B . 7.04 23.31 -1.94
C4 NAG B . 5.97 24.36 -1.94
C5 NAG B . 4.67 23.59 -2.36
C6 NAG B . 3.52 24.51 -2.01
C7 NAG B . 7.99 20.44 -2.41
C8 NAG B . 8.61 20.38 -1.04
N2 NAG B . 6.89 21.13 -2.79
O3 NAG B . 8.28 23.84 -1.51
O4 NAG B . 5.52 24.95 -0.81
O5 NAG B . 4.73 23.37 -3.71
O6 NAG B . 3.75 25.78 -2.46
O7 NAG B . 8.45 19.92 -3.29
C1 NAG B . 6.28 25.42 0.29
C2 NAG B . 5.44 26.38 1.13
C3 NAG B . 5.75 27.84 1.17
C4 NAG B . 7.25 28.16 1.08
C5 NAG B . 8.14 26.94 0.75
C6 NAG B . 8.53 26.14 1.99
C7 NAG B . 3.31 25.44 1.88
C8 NAG B . 1.84 25.46 1.74
N2 NAG B . 3.96 26.27 0.98
O3 NAG B . 5.31 28.13 2.54
O4 NAG B . 7.47 29.10 0.01
O5 NAG B . 7.45 26.10 -0.14
O6 NAG B . 8.62 24.76 1.75
O7 NAG B . 3.88 24.82 2.68
MG MG C . 2.33 -2.78 -4.96
#